data_7OA9
#
_entry.id   7OA9
#
_cell.length_a   107.399
_cell.length_b   107.399
_cell.length_c   107.903
_cell.angle_alpha   90.000
_cell.angle_beta   90.000
_cell.angle_gamma   90.000
#
_symmetry.space_group_name_H-M   'P 43 2 2'
#
loop_
_entity.id
_entity.type
_entity.pdbx_description
1 polymer 'Isoform 2 of Menin'
2 non-polymer (~{E})-2-cyano-3-(4-hydroxyphenyl)-~{N}-(2-morpholin-4-ylethyl)prop-2-enamide
3 non-polymer 1,2-ETHANEDIOL
4 non-polymer GLYCEROL
5 water water
#
_entity_poly.entity_id   1
_entity_poly.type   'polypeptide(L)'
_entity_poly.pdbx_seq_one_letter_code
;AMGLKAAQKTLFPLRSIDDVVRLFAAELGREEPDLVLLSLVLGFVEHFLAVNRVGLTYFPVADLSIIAALYARFTAQIRG
AVDLSLYPREGGVSSRELVKKVSDVIWNSLSRSYFKDRAHIQSLFSFITGTKLDSSGVAFAVVGACQALGLRDVHLALSE
DHAWVVFGPNGEQTAEVTWHGKGNEDRRGQTVNAGVAERSWLYLKGSYMRCDRKMEVAFMVCAINPSIDLHTDSLELLQL
QQKLLWLLYDLGHLERYPMALGNLADLEELEPTPGRPDPLTLYHKGIASAKTYYRDEHIYPYMYLAGYHCRNRNVREALQ
AWADTATVIQDYNYCREDEEIYKEFFEVANDVIPNLLKEAASLLEAGEERPGEQSQGTQSQGSALQDPECFAHLLRFYDG
ICKWEEGSPTPVLHVGWATFLVQSLGRFEGQVRQKVRIVSGTVAGTARGPEGGSTAQVPAPAASPPPEGPVLTFQSEKMK
GMKELLVATKINSSAIKLQLTAQSQ
;
_entity_poly.pdbx_strand_id   A
#
# COMPACT_ATOMS: atom_id res chain seq x y z
N ALA A 1 -23.13 -5.53 -10.31
CA ALA A 1 -24.08 -5.78 -9.22
C ALA A 1 -24.37 -7.27 -9.05
N MET A 2 -25.50 -7.72 -9.62
CA MET A 2 -25.99 -9.10 -9.47
C MET A 2 -26.55 -9.60 -10.81
N GLY A 3 -26.00 -10.70 -11.30
CA GLY A 3 -26.44 -11.27 -12.56
C GLY A 3 -25.76 -10.67 -13.78
N LEU A 4 -25.26 -11.52 -14.67
CA LEU A 4 -24.58 -11.06 -15.87
C LEU A 4 -25.60 -10.57 -16.90
N LYS A 5 -25.27 -9.49 -17.57
CA LYS A 5 -26.10 -8.88 -18.59
C LYS A 5 -25.51 -9.13 -19.97
N ALA A 6 -26.36 -9.01 -21.00
CA ALA A 6 -25.88 -9.16 -22.36
C ALA A 6 -24.83 -8.11 -22.71
N ALA A 7 -24.92 -6.91 -22.14
CA ALA A 7 -23.92 -5.88 -22.42
C ALA A 7 -22.51 -6.28 -21.96
N GLN A 8 -22.42 -7.17 -20.98
CA GLN A 8 -21.18 -7.80 -20.57
C GLN A 8 -20.90 -9.04 -21.40
N LYS A 9 -21.88 -9.95 -21.46
CA LYS A 9 -21.70 -11.20 -22.19
C LYS A 9 -21.24 -10.97 -23.62
N THR A 10 -21.70 -9.90 -24.26
CA THR A 10 -21.35 -9.66 -25.66
C THR A 10 -19.87 -9.31 -25.83
N LEU A 11 -19.15 -8.97 -24.76
CA LEU A 11 -17.75 -8.61 -24.89
C LEU A 11 -16.83 -9.81 -24.77
N PHE A 12 -17.40 -10.99 -24.50
CA PHE A 12 -16.70 -12.26 -24.44
C PHE A 12 -16.70 -12.90 -25.82
N PRO A 13 -15.74 -13.78 -26.11
CA PRO A 13 -14.61 -14.19 -25.25
C PRO A 13 -13.52 -13.12 -25.14
N LEU A 14 -12.79 -13.12 -24.04
CA LEU A 14 -11.68 -12.18 -23.84
C LEU A 14 -10.43 -12.89 -24.35
N ARG A 15 -9.91 -12.42 -25.49
CA ARG A 15 -8.85 -13.11 -26.19
C ARG A 15 -7.54 -12.34 -26.12
N SER A 16 -7.52 -11.23 -25.39
CA SER A 16 -6.35 -10.36 -25.39
C SER A 16 -6.41 -9.44 -24.19
N ILE A 17 -5.27 -8.80 -23.93
CA ILE A 17 -5.18 -7.75 -22.91
C ILE A 17 -6.21 -6.64 -23.19
N ASP A 18 -6.23 -6.15 -24.43
CA ASP A 18 -7.16 -5.08 -24.80
C ASP A 18 -8.62 -5.52 -24.66
N ASP A 19 -8.95 -6.81 -24.90
CA ASP A 19 -10.30 -7.28 -24.62
C ASP A 19 -10.64 -7.13 -23.14
N VAL A 20 -9.72 -7.46 -22.26
CA VAL A 20 -9.98 -7.29 -20.83
C VAL A 20 -10.19 -5.81 -20.51
N VAL A 21 -9.33 -4.94 -21.03
CA VAL A 21 -9.48 -3.50 -20.79
C VAL A 21 -10.87 -3.04 -21.23
N ARG A 22 -11.32 -3.52 -22.40
CA ARG A 22 -12.62 -3.12 -22.92
C ARG A 22 -13.73 -3.53 -21.96
N LEU A 23 -13.65 -4.74 -21.39
CA LEU A 23 -14.65 -5.15 -20.41
C LEU A 23 -14.62 -4.24 -19.19
N PHE A 24 -13.42 -3.89 -18.72
CA PHE A 24 -13.31 -2.97 -17.58
C PHE A 24 -13.83 -1.58 -17.93
N ALA A 25 -13.54 -1.09 -19.15
CA ALA A 25 -14.03 0.23 -19.52
C ALA A 25 -15.54 0.25 -19.51
N ALA A 26 -16.18 -0.82 -20.01
CA ALA A 26 -17.63 -0.88 -20.01
C ALA A 26 -18.20 -0.99 -18.59
N GLU A 27 -17.57 -1.80 -17.73
CA GLU A 27 -18.07 -1.92 -16.37
C GLU A 27 -17.93 -0.61 -15.61
N LEU A 28 -16.84 0.13 -15.85
CA LEU A 28 -16.63 1.39 -15.15
C LEU A 28 -17.56 2.49 -15.66
N GLY A 29 -18.19 2.28 -16.82
CA GLY A 29 -19.22 3.21 -17.28
C GLY A 29 -20.53 3.05 -16.53
N ARG A 30 -20.79 1.87 -15.99
CA ARG A 30 -22.02 1.64 -15.26
C ARG A 30 -21.96 2.28 -13.88
N GLU A 31 -23.14 2.58 -13.32
CA GLU A 31 -23.18 3.18 -11.99
C GLU A 31 -22.57 2.25 -10.95
N GLU A 32 -22.59 0.94 -11.20
CA GLU A 32 -22.16 -0.03 -10.20
C GLU A 32 -21.42 -1.16 -10.92
N PRO A 33 -20.09 -1.06 -11.06
CA PRO A 33 -19.33 -2.14 -11.69
C PRO A 33 -19.48 -3.45 -10.93
N ASP A 34 -19.50 -4.56 -11.67
CA ASP A 34 -19.75 -5.87 -11.09
C ASP A 34 -18.42 -6.42 -10.58
N LEU A 35 -18.21 -6.35 -9.28
CA LEU A 35 -16.91 -6.76 -8.69
C LEU A 35 -16.63 -8.25 -8.84
N VAL A 36 -17.65 -9.08 -8.75
CA VAL A 36 -17.48 -10.54 -8.86
C VAL A 36 -17.00 -10.89 -10.27
N LEU A 37 -17.63 -10.29 -11.27
CA LEU A 37 -17.26 -10.55 -12.66
C LEU A 37 -15.82 -10.09 -12.91
N LEU A 38 -15.48 -8.88 -12.51
CA LEU A 38 -14.15 -8.37 -12.82
C LEU A 38 -13.07 -9.13 -12.09
N SER A 39 -13.34 -9.57 -10.85
CA SER A 39 -12.33 -10.26 -10.08
C SER A 39 -12.10 -11.65 -10.63
N LEU A 40 -13.17 -12.33 -11.05
CA LEU A 40 -13.00 -13.64 -11.67
C LEU A 40 -12.19 -13.54 -12.96
N VAL A 41 -12.45 -12.52 -13.77
CA VAL A 41 -11.72 -12.36 -15.02
C VAL A 41 -10.23 -12.15 -14.76
N LEU A 42 -9.88 -11.16 -13.91
CA LEU A 42 -8.48 -10.93 -13.59
C LEU A 42 -7.83 -12.18 -13.00
N GLY A 43 -8.54 -12.86 -12.09
CA GLY A 43 -7.95 -14.04 -11.47
C GLY A 43 -7.72 -15.18 -12.45
N PHE A 44 -8.68 -15.40 -13.34
CA PHE A 44 -8.49 -16.35 -14.44
C PHE A 44 -7.26 -15.99 -15.28
N VAL A 45 -7.17 -14.76 -15.81
CA VAL A 45 -6.07 -14.49 -16.73
C VAL A 45 -4.73 -14.51 -16.00
N GLU A 46 -4.69 -13.99 -14.76
CA GLU A 46 -3.46 -14.06 -13.99
C GLU A 46 -3.05 -15.49 -13.72
N HIS A 47 -4.02 -16.34 -13.34
CA HIS A 47 -3.69 -17.73 -13.04
C HIS A 47 -2.93 -18.40 -14.18
N PHE A 48 -3.36 -18.15 -15.41
CA PHE A 48 -2.76 -18.82 -16.54
C PHE A 48 -1.59 -18.06 -17.15
N LEU A 49 -1.45 -16.76 -16.88
CA LEU A 49 -0.28 -16.06 -17.35
C LEU A 49 0.91 -16.15 -16.40
N ALA A 50 0.67 -16.42 -15.12
CA ALA A 50 1.76 -16.37 -14.13
C ALA A 50 2.49 -17.71 -14.09
N VAL A 51 2.95 -18.13 -15.25
CA VAL A 51 3.72 -19.37 -15.35
C VAL A 51 4.74 -19.17 -16.47
N ASN A 52 5.95 -19.70 -16.29
CA ASN A 52 6.92 -19.64 -17.38
C ASN A 52 6.48 -20.50 -18.56
N ARG A 53 6.84 -20.08 -19.77
CA ARG A 53 6.28 -20.70 -20.95
C ARG A 53 7.26 -20.67 -22.11
N VAL A 54 7.03 -21.56 -23.06
CA VAL A 54 7.58 -21.43 -24.41
C VAL A 54 6.47 -20.85 -25.27
N GLY A 55 6.84 -19.94 -26.17
CA GLY A 55 5.84 -19.33 -27.02
C GLY A 55 5.82 -17.83 -26.85
N LEU A 56 6.15 -17.12 -27.92
CA LEU A 56 6.28 -15.66 -27.85
C LEU A 56 4.95 -14.99 -27.54
N THR A 57 3.89 -15.39 -28.23
CA THR A 57 2.57 -14.82 -28.03
C THR A 57 1.70 -15.85 -27.30
N TYR A 58 1.04 -15.42 -26.24
CA TYR A 58 0.14 -16.30 -25.50
C TYR A 58 -0.87 -15.42 -24.78
N PHE A 59 -2.13 -15.84 -24.79
CA PHE A 59 -3.09 -15.22 -23.96
C PHE A 59 -4.10 -16.33 -23.66
N PRO A 60 -4.42 -16.56 -22.39
CA PRO A 60 -5.43 -17.58 -22.03
C PRO A 60 -6.82 -17.02 -22.26
N VAL A 61 -7.60 -17.70 -23.11
CA VAL A 61 -8.89 -17.16 -23.51
C VAL A 61 -9.86 -17.31 -22.35
N ALA A 62 -10.49 -16.21 -21.93
CA ALA A 62 -11.54 -16.25 -20.93
C ALA A 62 -12.86 -16.46 -21.67
N ASP A 63 -13.29 -17.71 -21.75
CA ASP A 63 -14.58 -18.05 -22.35
C ASP A 63 -15.70 -17.66 -21.41
N LEU A 64 -16.80 -17.14 -21.96
CA LEU A 64 -17.94 -16.78 -21.13
C LEU A 64 -18.41 -17.96 -20.31
N SER A 65 -18.38 -19.16 -20.89
CA SER A 65 -18.96 -20.32 -20.20
C SER A 65 -18.22 -20.62 -18.90
N ILE A 66 -16.89 -20.46 -18.89
CA ILE A 66 -16.16 -20.74 -17.65
C ILE A 66 -16.32 -19.58 -16.64
N ILE A 67 -16.34 -18.33 -17.12
CA ILE A 67 -16.50 -17.21 -16.19
C ILE A 67 -17.90 -17.22 -15.60
N ALA A 68 -18.92 -17.44 -16.42
CA ALA A 68 -20.29 -17.41 -15.92
C ALA A 68 -20.58 -18.58 -14.99
N ALA A 69 -19.93 -19.72 -15.20
CA ALA A 69 -20.08 -20.83 -14.26
C ALA A 69 -19.47 -20.49 -12.90
N LEU A 70 -18.24 -19.97 -12.89
CA LEU A 70 -17.65 -19.57 -11.62
C LEU A 70 -18.47 -18.49 -10.95
N TYR A 71 -18.99 -17.55 -11.73
CA TYR A 71 -19.85 -16.48 -11.21
C TYR A 71 -21.10 -17.06 -10.54
N ALA A 72 -21.76 -17.99 -11.23
CA ALA A 72 -22.95 -18.62 -10.66
C ALA A 72 -22.61 -19.38 -9.39
N ARG A 73 -21.46 -20.07 -9.37
CA ARG A 73 -21.08 -20.79 -8.16
C ARG A 73 -20.88 -19.82 -6.98
N PHE A 74 -20.20 -18.70 -7.20
CA PHE A 74 -20.03 -17.71 -6.13
C PHE A 74 -21.38 -17.17 -5.67
N THR A 75 -22.19 -16.78 -6.64
CA THR A 75 -23.47 -16.16 -6.33
C THR A 75 -24.40 -17.13 -5.63
N ALA A 76 -24.34 -18.41 -5.98
CA ALA A 76 -25.15 -19.41 -5.30
C ALA A 76 -24.65 -19.65 -3.88
N GLN A 77 -23.34 -19.79 -3.73
CA GLN A 77 -22.73 -20.01 -2.42
C GLN A 77 -23.14 -18.93 -1.41
N ILE A 78 -23.29 -17.67 -1.85
CA ILE A 78 -23.58 -16.58 -0.93
C ILE A 78 -25.08 -16.42 -0.68
N ARG A 79 -25.86 -16.40 -1.77
CA ARG A 79 -27.30 -16.30 -1.62
C ARG A 79 -27.86 -17.50 -0.85
N GLY A 80 -27.25 -18.67 -1.03
CA GLY A 80 -27.68 -19.88 -0.37
C GLY A 80 -27.30 -20.01 1.08
N ALA A 81 -26.47 -19.10 1.60
CA ALA A 81 -26.08 -19.16 3.00
C ALA A 81 -26.55 -17.97 3.80
N VAL A 82 -27.13 -16.96 3.16
CA VAL A 82 -27.49 -15.71 3.83
C VAL A 82 -28.95 -15.40 3.52
N ASP A 83 -29.83 -15.68 4.47
CA ASP A 83 -31.23 -15.31 4.34
C ASP A 83 -31.39 -13.86 4.76
N LEU A 84 -31.67 -12.99 3.80
CA LEU A 84 -31.78 -11.57 4.11
C LEU A 84 -33.05 -11.23 4.88
N SER A 85 -34.07 -12.10 4.83
CA SER A 85 -35.29 -11.84 5.61
C SER A 85 -34.99 -11.82 7.10
N LEU A 86 -34.02 -12.60 7.56
CA LEU A 86 -33.66 -12.64 9.00
C LEU A 86 -32.84 -11.42 9.42
N TYR A 87 -32.64 -10.45 8.54
CA TYR A 87 -31.81 -9.29 8.88
C TYR A 87 -32.56 -8.02 8.51
N PRO A 88 -33.06 -7.27 9.49
CA PRO A 88 -33.72 -6.00 9.18
C PRO A 88 -32.75 -5.06 8.47
N ARG A 89 -33.14 -4.61 7.29
CA ARG A 89 -32.34 -3.67 6.51
C ARG A 89 -33.12 -2.36 6.44
N GLU A 90 -32.95 -1.53 7.46
CA GLU A 90 -33.69 -0.28 7.60
C GLU A 90 -32.86 0.88 7.10
N GLY A 91 -33.47 1.70 6.23
CA GLY A 91 -32.84 2.92 5.77
C GLY A 91 -31.75 2.76 4.73
N GLY A 92 -31.70 1.64 4.02
CA GLY A 92 -30.58 1.37 3.15
C GLY A 92 -29.28 1.18 3.89
N VAL A 93 -29.35 0.66 5.10
CA VAL A 93 -28.19 0.46 5.96
C VAL A 93 -28.14 -1.02 6.31
N SER A 94 -27.02 -1.66 6.02
CA SER A 94 -26.82 -3.02 6.50
C SER A 94 -26.52 -2.99 7.99
N SER A 95 -26.96 -4.03 8.68
CA SER A 95 -26.67 -4.15 10.10
C SER A 95 -25.34 -4.86 10.29
N ARG A 96 -24.68 -4.56 11.41
CA ARG A 96 -23.43 -5.22 11.76
C ARG A 96 -23.62 -6.73 11.83
N GLU A 97 -24.81 -7.18 12.26
CA GLU A 97 -25.11 -8.61 12.26
C GLU A 97 -25.06 -9.17 10.85
N LEU A 98 -25.76 -8.53 9.91
CA LEU A 98 -25.70 -8.99 8.52
C LEU A 98 -24.26 -8.97 8.00
N VAL A 99 -23.54 -7.87 8.23
CA VAL A 99 -22.18 -7.76 7.73
C VAL A 99 -21.30 -8.87 8.30
N LYS A 100 -21.43 -9.15 9.60
CA LYS A 100 -20.61 -10.22 10.19
C LYS A 100 -21.06 -11.60 9.68
N LYS A 101 -22.34 -11.74 9.34
CA LYS A 101 -22.80 -13.00 8.76
C LYS A 101 -22.13 -13.26 7.41
N VAL A 102 -22.13 -12.26 6.53
CA VAL A 102 -21.46 -12.44 5.24
C VAL A 102 -19.98 -12.75 5.45
N SER A 103 -19.33 -12.03 6.36
CA SER A 103 -17.92 -12.25 6.63
C SER A 103 -17.69 -13.69 7.08
N ASP A 104 -18.57 -14.21 7.94
CA ASP A 104 -18.41 -15.58 8.41
C ASP A 104 -18.61 -16.59 7.28
N VAL A 105 -19.55 -16.33 6.37
CA VAL A 105 -19.75 -17.22 5.22
C VAL A 105 -18.46 -17.38 4.42
N ILE A 106 -17.87 -16.25 4.02
CA ILE A 106 -16.54 -16.27 3.39
C ILE A 106 -15.55 -17.01 4.27
N TRP A 107 -15.45 -16.59 5.53
CA TRP A 107 -14.43 -17.13 6.43
C TRP A 107 -14.53 -18.64 6.55
N ASN A 108 -15.76 -19.15 6.74
CA ASN A 108 -15.98 -20.58 6.91
C ASN A 108 -15.78 -21.38 5.63
N SER A 109 -15.59 -20.71 4.49
CA SER A 109 -15.40 -21.42 3.23
C SER A 109 -13.93 -21.70 2.93
N LEU A 110 -13.01 -21.07 3.65
CA LEU A 110 -11.61 -21.14 3.29
C LEU A 110 -11.01 -22.46 3.73
N SER A 111 -9.99 -22.92 2.99
CA SER A 111 -9.26 -24.12 3.38
C SER A 111 -8.61 -23.93 4.74
N ARG A 112 -8.47 -25.04 5.48
CA ARG A 112 -7.90 -24.97 6.82
C ARG A 112 -6.37 -25.05 6.83
N SER A 113 -5.76 -25.64 5.80
CA SER A 113 -4.30 -25.66 5.71
C SER A 113 -3.82 -25.10 4.38
N ARG A 118 0.42 -17.60 -0.24
CA ARG A 118 1.48 -17.18 -1.14
C ARG A 118 0.96 -16.20 -2.21
N ALA A 119 1.46 -16.35 -3.42
CA ALA A 119 1.10 -15.47 -4.53
C ALA A 119 -0.12 -16.03 -5.28
N HIS A 120 -0.86 -15.11 -5.91
CA HIS A 120 -1.95 -15.44 -6.83
C HIS A 120 -3.12 -16.11 -6.11
N ILE A 121 -3.31 -15.83 -4.82
CA ILE A 121 -4.53 -16.25 -4.14
C ILE A 121 -5.30 -15.03 -3.66
N GLN A 122 -5.31 -13.95 -4.44
CA GLN A 122 -5.98 -12.74 -4.00
C GLN A 122 -7.38 -12.55 -4.60
N SER A 123 -7.72 -13.27 -5.66
CA SER A 123 -8.95 -13.00 -6.40
C SER A 123 -10.06 -14.00 -6.02
N LEU A 124 -11.28 -13.67 -6.44
CA LEU A 124 -12.40 -14.59 -6.31
C LEU A 124 -12.23 -15.85 -7.17
N PHE A 125 -11.41 -15.81 -8.22
CA PHE A 125 -11.02 -17.03 -8.92
C PHE A 125 -10.38 -18.00 -7.94
N SER A 126 -9.43 -17.49 -7.15
CA SER A 126 -8.78 -18.33 -6.16
C SER A 126 -9.78 -18.86 -5.14
N PHE A 127 -10.72 -18.02 -4.71
CA PHE A 127 -11.71 -18.43 -3.73
C PHE A 127 -12.57 -19.57 -4.26
N ILE A 128 -13.12 -19.41 -5.46
CA ILE A 128 -14.11 -20.35 -5.99
C ILE A 128 -13.45 -21.65 -6.44
N THR A 129 -12.24 -21.61 -6.97
CA THR A 129 -11.67 -22.84 -7.51
C THR A 129 -10.76 -23.56 -6.53
N GLY A 130 -10.27 -22.89 -5.49
CA GLY A 130 -9.34 -23.53 -4.59
C GLY A 130 -9.60 -23.23 -3.12
N THR A 131 -10.69 -22.52 -2.83
CA THR A 131 -11.02 -22.05 -1.48
C THR A 131 -9.81 -21.46 -0.73
N LYS A 132 -8.96 -20.71 -1.43
CA LYS A 132 -7.81 -20.05 -0.81
C LYS A 132 -7.90 -18.55 -1.05
N LEU A 133 -7.61 -17.75 -0.01
CA LEU A 133 -7.52 -16.30 -0.14
C LEU A 133 -6.41 -15.78 0.75
N ASP A 134 -5.75 -14.72 0.31
CA ASP A 134 -4.84 -14.00 1.19
C ASP A 134 -5.63 -12.98 2.01
N SER A 135 -4.93 -12.21 2.86
CA SER A 135 -5.61 -11.47 3.91
C SER A 135 -6.53 -10.40 3.35
N SER A 136 -6.02 -9.56 2.43
CA SER A 136 -6.87 -8.54 1.84
C SER A 136 -7.85 -9.15 0.84
N GLY A 137 -7.52 -10.31 0.28
CA GLY A 137 -8.48 -11.03 -0.53
C GLY A 137 -9.76 -11.36 0.22
N VAL A 138 -9.64 -11.81 1.46
CA VAL A 138 -10.83 -12.09 2.26
C VAL A 138 -11.71 -10.85 2.35
N ALA A 139 -11.10 -9.71 2.67
CA ALA A 139 -11.87 -8.48 2.82
C ALA A 139 -12.54 -8.10 1.50
N PHE A 140 -11.82 -8.26 0.37
CA PHE A 140 -12.43 -7.99 -0.92
C PHE A 140 -13.56 -8.98 -1.19
N ALA A 141 -13.36 -10.25 -0.85
CA ALA A 141 -14.40 -11.25 -1.03
C ALA A 141 -15.65 -10.88 -0.24
N VAL A 142 -15.48 -10.30 0.96
CA VAL A 142 -16.66 -9.93 1.73
C VAL A 142 -17.42 -8.82 1.01
N VAL A 143 -16.71 -7.83 0.45
CA VAL A 143 -17.38 -6.74 -0.24
C VAL A 143 -18.10 -7.24 -1.49
N GLY A 144 -17.46 -8.14 -2.25
CA GLY A 144 -18.12 -8.69 -3.44
C GLY A 144 -19.36 -9.51 -3.10
N ALA A 145 -19.29 -10.28 -2.02
CA ALA A 145 -20.46 -11.04 -1.57
C ALA A 145 -21.60 -10.09 -1.20
N CYS A 146 -21.26 -9.00 -0.49
CA CYS A 146 -22.28 -8.02 -0.12
C CYS A 146 -22.88 -7.35 -1.34
N GLN A 147 -22.07 -6.94 -2.32
CA GLN A 147 -22.64 -6.42 -3.57
C GLN A 147 -23.53 -7.46 -4.23
N ALA A 148 -23.13 -8.72 -4.19
CA ALA A 148 -23.98 -9.76 -4.77
C ALA A 148 -25.31 -9.89 -4.05
N LEU A 149 -25.36 -9.46 -2.78
CA LEU A 149 -26.59 -9.48 -1.99
C LEU A 149 -27.36 -8.17 -2.03
N GLY A 150 -26.91 -7.21 -2.84
CA GLY A 150 -27.58 -5.93 -2.94
C GLY A 150 -27.30 -4.95 -1.82
N LEU A 151 -26.30 -5.23 -0.98
CA LEU A 151 -25.97 -4.34 0.14
C LEU A 151 -25.08 -3.21 -0.37
N ARG A 152 -25.71 -2.16 -0.86
CA ARG A 152 -24.98 -1.13 -1.60
C ARG A 152 -24.10 -0.29 -0.70
N ASP A 153 -24.26 -0.38 0.62
CA ASP A 153 -23.48 0.46 1.52
C ASP A 153 -22.22 -0.22 2.05
N VAL A 154 -22.05 -1.52 1.85
CA VAL A 154 -20.84 -2.18 2.33
C VAL A 154 -19.70 -1.90 1.35
N HIS A 155 -18.59 -1.38 1.87
CA HIS A 155 -17.45 -0.98 1.04
C HIS A 155 -16.15 -1.45 1.64
N LEU A 156 -15.14 -1.50 0.78
CA LEU A 156 -13.79 -1.85 1.20
C LEU A 156 -13.12 -0.65 1.85
N ALA A 157 -12.48 -0.87 3.00
CA ALA A 157 -11.60 0.12 3.61
C ALA A 157 -10.17 -0.39 3.56
N LEU A 158 -9.21 0.52 3.34
CA LEU A 158 -7.81 0.13 3.21
C LEU A 158 -6.91 1.12 3.93
N SER A 159 -5.98 0.61 4.72
CA SER A 159 -4.87 1.44 5.13
C SER A 159 -3.66 1.14 4.22
N GLU A 160 -2.46 1.43 4.70
CA GLU A 160 -1.28 1.07 3.93
C GLU A 160 -0.83 -0.36 4.19
N ASP A 161 -1.49 -1.08 5.10
CA ASP A 161 -1.07 -2.45 5.38
C ASP A 161 -2.21 -3.35 5.84
N HIS A 162 -3.46 -2.92 5.74
CA HIS A 162 -4.56 -3.72 6.25
C HIS A 162 -5.84 -3.33 5.51
N ALA A 163 -6.85 -4.18 5.64
CA ALA A 163 -8.11 -4.00 4.94
C ALA A 163 -9.26 -4.43 5.84
N TRP A 164 -10.38 -3.71 5.74
CA TRP A 164 -11.57 -4.11 6.48
C TRP A 164 -12.78 -3.62 5.68
N VAL A 165 -13.97 -3.64 6.30
CA VAL A 165 -15.14 -3.12 5.60
C VAL A 165 -15.76 -1.97 6.38
N VAL A 166 -16.37 -1.05 5.63
CA VAL A 166 -17.18 0.01 6.18
C VAL A 166 -18.60 -0.13 5.61
N PHE A 167 -19.56 0.44 6.34
CA PHE A 167 -20.95 0.40 5.92
C PHE A 167 -21.73 1.46 6.69
N GLY A 168 -23.04 1.50 6.46
CA GLY A 168 -23.88 2.54 6.98
C GLY A 168 -23.70 3.85 6.24
N PRO A 169 -24.33 4.92 6.75
CA PRO A 169 -24.23 6.23 6.09
C PRO A 169 -22.79 6.71 6.02
N ASN A 170 -22.33 6.97 4.79
CA ASN A 170 -20.98 7.45 4.50
C ASN A 170 -19.90 6.55 5.08
N GLY A 171 -20.21 5.27 5.26
CA GLY A 171 -19.24 4.36 5.84
C GLY A 171 -18.85 4.68 7.26
N GLU A 172 -19.81 5.16 8.06
CA GLU A 172 -19.51 5.49 9.46
C GLU A 172 -19.28 4.24 10.30
N GLN A 173 -19.90 3.12 9.94
CA GLN A 173 -19.69 1.85 10.61
C GLN A 173 -18.47 1.11 10.03
N THR A 174 -17.69 0.48 10.91
CA THR A 174 -16.53 -0.28 10.49
C THR A 174 -16.58 -1.67 11.11
N ALA A 175 -16.01 -2.65 10.40
CA ALA A 175 -15.94 -4.02 10.90
C ALA A 175 -14.71 -4.72 10.35
N GLU A 176 -13.93 -5.30 11.25
CA GLU A 176 -12.85 -6.21 10.86
C GLU A 176 -13.42 -7.49 10.25
N VAL A 177 -12.82 -7.96 9.15
CA VAL A 177 -13.34 -9.13 8.47
C VAL A 177 -12.25 -10.14 8.16
N THR A 178 -10.99 -9.76 8.31
CA THR A 178 -9.89 -10.64 7.94
C THR A 178 -8.83 -10.58 9.03
N TRP A 179 -7.77 -11.37 8.85
CA TRP A 179 -6.65 -11.39 9.77
C TRP A 179 -5.59 -10.38 9.31
N HIS A 180 -4.64 -10.09 10.20
CA HIS A 180 -3.51 -9.24 9.88
C HIS A 180 -2.27 -9.74 10.59
N GLY A 181 -1.14 -9.75 9.88
CA GLY A 181 0.08 -10.26 10.47
C GLY A 181 -0.04 -11.75 10.79
N LYS A 182 0.87 -12.22 11.65
CA LYS A 182 1.01 -13.66 11.85
C LYS A 182 0.29 -14.15 13.11
N GLY A 183 0.79 -13.81 14.29
CA GLY A 183 0.26 -14.42 15.50
C GLY A 183 -0.69 -13.59 16.35
N ASN A 184 -1.51 -12.76 15.73
CA ASN A 184 -2.38 -11.85 16.46
C ASN A 184 -3.76 -12.45 16.67
N GLU A 185 -4.39 -12.10 17.79
CA GLU A 185 -5.72 -12.59 18.12
C GLU A 185 -6.76 -12.03 17.14
N ASP A 186 -7.73 -12.87 16.79
CA ASP A 186 -8.75 -12.49 15.84
C ASP A 186 -9.53 -11.27 16.32
N ARG A 187 -9.59 -10.24 15.48
CA ARG A 187 -10.43 -9.08 15.77
C ARG A 187 -11.69 -9.04 14.92
N ARG A 188 -11.97 -10.11 14.17
CA ARG A 188 -13.10 -10.07 13.25
C ARG A 188 -14.39 -9.77 14.00
N GLY A 189 -15.22 -8.94 13.37
CA GLY A 189 -16.45 -8.47 13.98
C GLY A 189 -16.33 -7.14 14.70
N GLN A 190 -15.15 -6.79 15.19
CA GLN A 190 -14.98 -5.56 15.94
C GLN A 190 -14.88 -4.35 15.01
N THR A 191 -15.08 -3.16 15.60
CA THR A 191 -14.78 -1.89 14.96
C THR A 191 -13.27 -1.69 14.90
N VAL A 192 -12.84 -0.76 14.05
CA VAL A 192 -11.45 -0.34 14.02
C VAL A 192 -11.17 0.85 14.95
N ASN A 193 -12.12 1.19 15.83
CA ASN A 193 -12.00 2.39 16.64
C ASN A 193 -10.77 2.33 17.55
N ALA A 194 -10.50 1.17 18.17
CA ALA A 194 -9.30 1.05 19.01
C ALA A 194 -8.01 1.30 18.21
N GLY A 195 -7.93 0.77 16.99
CA GLY A 195 -6.73 1.00 16.20
C GLY A 195 -6.56 2.46 15.82
N VAL A 196 -7.66 3.14 15.49
CA VAL A 196 -7.58 4.57 15.22
C VAL A 196 -7.13 5.32 16.46
N ALA A 197 -7.64 4.93 17.63
CA ALA A 197 -7.41 5.71 18.84
C ALA A 197 -6.01 5.49 19.41
N GLU A 198 -5.42 4.32 19.19
CA GLU A 198 -4.07 4.08 19.67
C GLU A 198 -3.02 4.79 18.83
N ARG A 199 -3.41 5.46 17.74
CA ARG A 199 -2.49 6.26 16.92
C ARG A 199 -1.45 5.37 16.20
N SER A 200 -1.78 4.12 15.94
CA SER A 200 -0.86 3.24 15.20
C SER A 200 -0.82 3.61 13.72
N TRP A 201 0.31 3.29 13.07
CA TRP A 201 0.38 3.43 11.63
C TRP A 201 -0.65 2.54 10.93
N LEU A 202 -0.91 1.36 11.49
CA LEU A 202 -1.79 0.41 10.83
C LEU A 202 -3.15 1.01 10.50
N TYR A 203 -3.66 1.91 11.34
CA TYR A 203 -4.98 2.47 11.09
C TYR A 203 -4.93 3.94 10.72
N LEU A 204 -3.74 4.50 10.53
CA LEU A 204 -3.53 5.77 9.82
C LEU A 204 -4.23 6.94 10.52
N LYS A 205 -4.45 6.84 11.84
CA LYS A 205 -5.11 7.92 12.60
C LYS A 205 -6.47 8.27 12.00
N GLY A 206 -7.15 7.25 11.44
CA GLY A 206 -8.44 7.45 10.81
C GLY A 206 -8.39 7.94 9.37
N SER A 207 -7.22 8.33 8.87
CA SER A 207 -7.09 8.85 7.51
C SER A 207 -6.84 7.72 6.49
N TYR A 208 -7.69 6.71 6.53
CA TYR A 208 -7.60 5.55 5.65
C TYR A 208 -8.61 5.69 4.51
N MET A 209 -8.43 4.87 3.46
CA MET A 209 -9.30 4.95 2.30
C MET A 209 -10.65 4.33 2.59
N ARG A 210 -11.71 5.01 2.19
CA ARG A 210 -13.05 4.43 2.16
C ARG A 210 -13.46 4.36 0.69
N CYS A 211 -13.57 3.15 0.15
CA CYS A 211 -13.77 2.99 -1.29
C CYS A 211 -15.22 3.16 -1.70
N ASP A 212 -15.44 3.78 -2.85
CA ASP A 212 -16.67 3.53 -3.58
C ASP A 212 -16.44 2.33 -4.52
N ARG A 213 -17.46 1.95 -5.29
CA ARG A 213 -17.33 0.74 -6.12
C ARG A 213 -16.22 0.89 -7.17
N LYS A 214 -16.00 2.09 -7.69
CA LYS A 214 -14.95 2.27 -8.69
C LYS A 214 -13.56 2.18 -8.08
N MET A 215 -13.41 2.64 -6.83
CA MET A 215 -12.13 2.47 -6.14
C MET A 215 -11.89 1.02 -5.79
N GLU A 216 -12.95 0.25 -5.54
CA GLU A 216 -12.78 -1.17 -5.34
C GLU A 216 -12.26 -1.85 -6.61
N VAL A 217 -12.74 -1.41 -7.78
CA VAL A 217 -12.16 -1.86 -9.04
C VAL A 217 -10.66 -1.49 -9.09
N ALA A 218 -10.33 -0.25 -8.75
CA ALA A 218 -8.93 0.13 -8.70
C ALA A 218 -8.12 -0.79 -7.78
N PHE A 219 -8.70 -1.12 -6.62
CA PHE A 219 -8.00 -2.00 -5.68
C PHE A 219 -7.67 -3.34 -6.33
N MET A 220 -8.64 -3.96 -7.00
CA MET A 220 -8.36 -5.26 -7.57
C MET A 220 -7.35 -5.17 -8.71
N VAL A 221 -7.27 -4.02 -9.38
CA VAL A 221 -6.23 -3.82 -10.40
C VAL A 221 -4.87 -3.68 -9.75
N CYS A 222 -4.77 -2.91 -8.65
CA CYS A 222 -3.51 -2.87 -7.92
C CYS A 222 -3.13 -4.24 -7.37
N ALA A 223 -4.12 -5.08 -7.07
CA ALA A 223 -3.86 -6.38 -6.51
C ALA A 223 -3.35 -7.40 -7.54
N ILE A 224 -3.35 -7.05 -8.82
CA ILE A 224 -2.78 -7.96 -9.83
C ILE A 224 -1.33 -8.23 -9.44
N ASN A 225 -0.93 -9.50 -9.50
CA ASN A 225 0.45 -9.89 -9.16
C ASN A 225 1.13 -10.51 -10.37
N PRO A 226 1.97 -9.76 -11.08
CA PRO A 226 2.64 -10.28 -12.29
C PRO A 226 3.80 -11.22 -12.00
N SER A 227 4.16 -11.43 -10.73
CA SER A 227 5.32 -12.23 -10.37
C SER A 227 5.11 -13.71 -10.69
N ILE A 228 6.03 -14.28 -11.46
CA ILE A 228 6.01 -15.71 -11.79
C ILE A 228 6.94 -16.50 -10.87
N ASP A 229 8.16 -16.01 -10.69
CA ASP A 229 9.06 -16.58 -9.69
C ASP A 229 9.97 -15.45 -9.19
N LEU A 230 11.01 -15.81 -8.43
CA LEU A 230 11.84 -14.78 -7.79
C LEU A 230 12.62 -13.95 -8.80
N HIS A 231 12.74 -14.42 -10.03
CA HIS A 231 13.49 -13.71 -11.05
C HIS A 231 12.63 -13.24 -12.22
N THR A 232 11.33 -13.49 -12.21
CA THR A 232 10.54 -13.31 -13.42
C THR A 232 9.17 -12.71 -13.11
N ASP A 233 8.82 -11.68 -13.87
CA ASP A 233 7.47 -11.12 -13.93
C ASP A 233 6.85 -11.40 -15.30
N SER A 234 5.53 -11.59 -15.31
CA SER A 234 4.77 -11.66 -16.56
C SER A 234 4.68 -10.27 -17.19
N LEU A 235 5.22 -10.13 -18.40
CA LEU A 235 5.10 -8.86 -19.12
C LEU A 235 3.65 -8.57 -19.49
N GLU A 236 2.88 -9.61 -19.80
CA GLU A 236 1.47 -9.42 -20.11
C GLU A 236 0.70 -8.88 -18.91
N LEU A 237 0.93 -9.43 -17.72
CA LEU A 237 0.20 -8.95 -16.55
C LEU A 237 0.62 -7.52 -16.19
N LEU A 238 1.89 -7.19 -16.37
CA LEU A 238 2.31 -5.81 -16.12
C LEU A 238 1.61 -4.86 -17.07
N GLN A 239 1.56 -5.21 -18.36
CA GLN A 239 0.91 -4.38 -19.35
C GLN A 239 -0.58 -4.25 -19.08
N LEU A 240 -1.25 -5.36 -18.72
CA LEU A 240 -2.66 -5.30 -18.37
C LEU A 240 -2.90 -4.35 -17.20
N GLN A 241 -2.12 -4.52 -16.13
CA GLN A 241 -2.27 -3.64 -14.96
C GLN A 241 -2.04 -2.18 -15.36
N GLN A 242 -1.00 -1.92 -16.15
CA GLN A 242 -0.67 -0.54 -16.53
C GLN A 242 -1.80 0.10 -17.33
N LYS A 243 -2.37 -0.66 -18.27
CA LYS A 243 -3.46 -0.11 -19.06
C LYS A 243 -4.71 0.10 -18.22
N LEU A 244 -5.00 -0.83 -17.30
CA LEU A 244 -6.19 -0.68 -16.47
C LEU A 244 -6.04 0.53 -15.53
N LEU A 245 -4.85 0.73 -15.00
CA LEU A 245 -4.63 1.88 -14.15
C LEU A 245 -4.78 3.18 -14.93
N TRP A 246 -4.30 3.23 -16.19
CA TRP A 246 -4.51 4.45 -16.97
C TRP A 246 -5.99 4.69 -17.23
N LEU A 247 -6.72 3.61 -17.49
CA LEU A 247 -8.17 3.72 -17.64
C LEU A 247 -8.80 4.30 -16.37
N LEU A 248 -8.48 3.71 -15.22
CA LEU A 248 -8.98 4.26 -13.96
C LEU A 248 -8.55 5.70 -13.76
N TYR A 249 -7.30 6.01 -14.10
CA TYR A 249 -6.79 7.38 -13.97
C TYR A 249 -7.65 8.34 -14.78
N ASP A 250 -7.87 8.01 -16.07
CA ASP A 250 -8.59 8.91 -16.98
C ASP A 250 -10.02 9.17 -16.52
N LEU A 251 -10.61 8.21 -15.81
CA LEU A 251 -11.98 8.35 -15.30
C LEU A 251 -12.03 8.99 -13.91
N GLY A 252 -10.90 9.44 -13.38
CA GLY A 252 -10.88 10.12 -12.11
C GLY A 252 -10.89 9.20 -10.90
N HIS A 253 -10.83 7.88 -11.11
CA HIS A 253 -10.98 6.94 -10.01
C HIS A 253 -9.70 6.68 -9.22
N LEU A 254 -8.55 7.21 -9.64
CA LEU A 254 -7.36 7.18 -8.80
C LEU A 254 -7.17 8.48 -8.03
N GLU A 255 -8.15 9.39 -8.11
CA GLU A 255 -7.96 10.71 -7.51
C GLU A 255 -7.69 10.61 -6.01
N ARG A 256 -8.34 9.64 -5.33
CA ARG A 256 -8.22 9.49 -3.88
C ARG A 256 -7.46 8.22 -3.50
N TYR A 257 -6.54 7.79 -4.34
CA TYR A 257 -5.88 6.49 -4.19
C TYR A 257 -4.38 6.69 -4.39
N PRO A 258 -3.69 7.24 -3.39
CA PRO A 258 -2.26 7.51 -3.53
C PRO A 258 -1.43 6.30 -3.93
N MET A 259 -1.71 5.11 -3.38
CA MET A 259 -0.90 3.95 -3.66
C MET A 259 -1.05 3.51 -5.13
N ALA A 260 -2.25 3.65 -5.69
CA ALA A 260 -2.44 3.34 -7.11
C ALA A 260 -1.63 4.28 -7.99
N LEU A 261 -1.55 5.54 -7.60
CA LEU A 261 -0.76 6.51 -8.34
C LEU A 261 0.72 6.16 -8.26
N GLY A 262 1.19 5.76 -7.09
CA GLY A 262 2.58 5.31 -6.97
C GLY A 262 2.87 4.06 -7.78
N ASN A 263 1.92 3.14 -7.80
CA ASN A 263 2.06 1.90 -8.60
C ASN A 263 2.16 2.26 -10.09
N LEU A 264 1.31 3.17 -10.55
CA LEU A 264 1.28 3.65 -11.93
C LEU A 264 2.60 4.34 -12.28
N ALA A 265 3.15 5.11 -11.35
CA ALA A 265 4.44 5.79 -11.55
C ALA A 265 5.52 4.72 -11.73
N ASP A 266 5.54 3.73 -10.87
CA ASP A 266 6.52 2.65 -11.00
C ASP A 266 6.41 1.95 -12.35
N LEU A 267 5.18 1.72 -12.82
CA LEU A 267 4.99 1.04 -14.10
C LEU A 267 5.48 1.89 -15.26
N GLU A 268 5.24 3.21 -15.18
CA GLU A 268 5.75 4.14 -16.18
C GLU A 268 7.26 4.27 -16.13
N GLU A 269 7.86 4.22 -14.94
CA GLU A 269 9.32 4.12 -14.86
C GLU A 269 9.81 2.89 -15.60
N LEU A 270 9.14 1.75 -15.38
CA LEU A 270 9.53 0.51 -16.01
C LEU A 270 9.42 0.57 -17.53
N GLU A 271 8.35 1.15 -18.04
CA GLU A 271 8.15 1.28 -19.47
C GLU A 271 7.19 2.44 -19.74
N PRO A 272 7.69 3.60 -20.18
CA PRO A 272 6.83 4.80 -20.27
C PRO A 272 5.83 4.72 -21.41
N THR A 273 4.61 5.20 -21.14
CA THR A 273 3.57 5.26 -22.16
C THR A 273 3.69 6.59 -22.90
N PRO A 274 3.80 6.61 -24.22
CA PRO A 274 4.00 7.87 -24.94
C PRO A 274 2.83 8.82 -24.75
N GLY A 275 3.14 10.08 -24.46
CA GLY A 275 2.09 11.06 -24.27
C GLY A 275 1.57 11.19 -22.85
N ARG A 276 2.00 10.33 -21.93
CA ARG A 276 1.47 10.35 -20.57
C ARG A 276 2.38 11.16 -19.66
N PRO A 277 1.86 11.64 -18.52
CA PRO A 277 2.72 12.28 -17.52
C PRO A 277 3.91 11.40 -17.17
N ASP A 278 5.06 12.03 -16.83
CA ASP A 278 6.22 11.21 -16.47
C ASP A 278 6.11 10.68 -15.05
N PRO A 279 6.93 9.69 -14.67
CA PRO A 279 6.78 9.12 -13.31
C PRO A 279 6.82 10.16 -12.21
N LEU A 280 7.74 11.14 -12.31
CA LEU A 280 7.86 12.14 -11.25
C LEU A 280 6.53 12.88 -11.04
N THR A 281 5.89 13.28 -12.14
CA THR A 281 4.58 13.91 -12.03
C THR A 281 3.58 13.00 -11.32
N LEU A 282 3.62 11.70 -11.60
CA LEU A 282 2.66 10.79 -10.99
C LEU A 282 2.95 10.58 -9.50
N TYR A 283 4.23 10.41 -9.12
CA TYR A 283 4.57 10.33 -7.70
C TYR A 283 4.07 11.56 -6.94
N HIS A 284 4.23 12.74 -7.52
CA HIS A 284 3.80 13.96 -6.83
C HIS A 284 2.28 14.09 -6.84
N LYS A 285 1.59 13.54 -7.85
CA LYS A 285 0.14 13.46 -7.75
C LYS A 285 -0.28 12.57 -6.59
N GLY A 286 0.44 11.46 -6.38
CA GLY A 286 0.14 10.61 -5.22
C GLY A 286 0.32 11.34 -3.90
N ILE A 287 1.41 12.10 -3.78
CA ILE A 287 1.62 12.92 -2.59
C ILE A 287 0.53 13.98 -2.47
N ALA A 288 0.19 14.64 -3.59
CA ALA A 288 -0.89 15.63 -3.58
C ALA A 288 -2.21 15.00 -3.13
N SER A 289 -2.54 13.82 -3.66
CA SER A 289 -3.75 13.12 -3.19
C SER A 289 -3.70 12.87 -1.69
N ALA A 290 -2.56 12.41 -1.16
CA ALA A 290 -2.50 12.13 0.27
C ALA A 290 -2.66 13.41 1.09
N LYS A 291 -2.09 14.52 0.61
CA LYS A 291 -2.24 15.79 1.32
C LYS A 291 -3.67 16.29 1.23
N THR A 292 -4.34 16.08 0.10
CA THR A 292 -5.68 16.61 -0.10
C THR A 292 -6.73 15.81 0.67
N TYR A 293 -6.71 14.48 0.55
CA TYR A 293 -7.78 13.65 1.08
C TYR A 293 -7.45 12.96 2.38
N TYR A 294 -6.17 12.86 2.74
CA TYR A 294 -5.79 12.02 3.86
C TYR A 294 -4.87 12.76 4.83
N ARG A 295 -4.96 14.09 4.88
CA ARG A 295 -4.30 14.89 5.92
C ARG A 295 -2.79 14.71 5.92
N ASP A 296 -2.21 14.31 4.78
CA ASP A 296 -0.77 14.08 4.69
C ASP A 296 -0.28 13.12 5.78
N GLU A 297 -1.08 12.10 6.08
CA GLU A 297 -0.71 11.11 7.10
C GLU A 297 -0.35 9.73 6.53
N HIS A 298 -0.04 9.64 5.24
CA HIS A 298 0.40 8.40 4.59
C HIS A 298 1.91 8.40 4.45
N ILE A 299 2.52 7.24 4.59
CA ILE A 299 3.98 7.10 4.44
C ILE A 299 4.37 6.82 3.00
N TYR A 300 3.66 5.88 2.35
CA TYR A 300 4.13 5.37 1.07
C TYR A 300 4.24 6.40 -0.04
N PRO A 301 3.43 7.48 -0.12
CA PRO A 301 3.64 8.43 -1.22
C PRO A 301 5.06 8.98 -1.28
N TYR A 302 5.71 9.21 -0.12
CA TYR A 302 7.09 9.68 -0.10
C TYR A 302 8.07 8.51 -0.24
N MET A 303 7.72 7.32 0.28
CA MET A 303 8.55 6.12 0.06
C MET A 303 8.65 5.76 -1.43
N TYR A 304 7.52 5.80 -2.15
CA TYR A 304 7.54 5.65 -3.61
C TYR A 304 8.49 6.64 -4.26
N LEU A 305 8.38 7.91 -3.89
CA LEU A 305 9.19 8.95 -4.52
C LEU A 305 10.67 8.76 -4.20
N ALA A 306 10.97 8.42 -2.94
CA ALA A 306 12.33 8.16 -2.52
C ALA A 306 12.97 7.04 -3.34
N GLY A 307 12.27 5.91 -3.46
CA GLY A 307 12.78 4.80 -4.22
C GLY A 307 13.09 5.19 -5.65
N TYR A 308 12.22 6.01 -6.24
CA TYR A 308 12.45 6.48 -7.60
C TYR A 308 13.73 7.31 -7.69
N HIS A 309 13.88 8.27 -6.79
CA HIS A 309 15.11 9.05 -6.77
C HIS A 309 16.33 8.17 -6.48
N CYS A 310 16.17 7.19 -5.59
CA CYS A 310 17.28 6.30 -5.26
C CYS A 310 17.75 5.55 -6.51
N ARG A 311 16.81 4.90 -7.20
CA ARG A 311 17.13 4.20 -8.43
C ARG A 311 17.81 5.12 -9.43
N ASN A 312 17.38 6.38 -9.51
CA ASN A 312 17.98 7.30 -10.46
C ASN A 312 19.18 8.04 -9.89
N ARG A 313 19.67 7.63 -8.72
CA ARG A 313 20.87 8.21 -8.12
C ARG A 313 20.75 9.72 -7.91
N ASN A 314 19.54 10.24 -7.69
CA ASN A 314 19.35 11.61 -7.20
C ASN A 314 19.43 11.55 -5.68
N VAL A 315 20.66 11.58 -5.17
CA VAL A 315 20.88 11.37 -3.74
C VAL A 315 20.15 12.42 -2.92
N ARG A 316 20.19 13.69 -3.34
CA ARG A 316 19.58 14.75 -2.54
C ARG A 316 18.06 14.57 -2.41
N GLU A 317 17.38 14.35 -3.55
CA GLU A 317 15.93 14.19 -3.49
C GLU A 317 15.52 12.89 -2.82
N ALA A 318 16.31 11.83 -2.96
CA ALA A 318 16.04 10.61 -2.22
C ALA A 318 16.07 10.86 -0.72
N LEU A 319 17.13 11.52 -0.24
CA LEU A 319 17.24 11.80 1.18
C LEU A 319 16.09 12.66 1.64
N GLN A 320 15.77 13.70 0.87
CA GLN A 320 14.66 14.57 1.23
C GLN A 320 13.35 13.79 1.34
N ALA A 321 13.09 12.92 0.35
CA ALA A 321 11.86 12.14 0.39
C ALA A 321 11.84 11.19 1.58
N TRP A 322 13.00 10.60 1.92
CA TRP A 322 13.04 9.71 3.09
C TRP A 322 12.83 10.50 4.37
N ALA A 323 13.37 11.71 4.43
CA ALA A 323 13.12 12.56 5.59
C ALA A 323 11.62 12.87 5.71
N ASP A 324 10.96 13.07 4.57
CA ASP A 324 9.52 13.29 4.56
C ASP A 324 8.77 12.11 5.15
N THR A 325 9.15 10.86 4.79
CA THR A 325 8.49 9.71 5.42
C THR A 325 8.66 9.76 6.93
N ALA A 326 9.83 10.23 7.41
CA ALA A 326 10.06 10.25 8.85
C ALA A 326 9.30 11.39 9.49
N THR A 327 9.17 12.52 8.79
CA THR A 327 8.38 13.63 9.30
C THR A 327 6.91 13.24 9.42
N VAL A 328 6.43 12.30 8.58
CA VAL A 328 5.05 11.82 8.72
C VAL A 328 4.95 10.85 9.88
N ILE A 329 5.88 9.90 9.97
CA ILE A 329 5.78 8.84 10.98
C ILE A 329 5.96 9.38 12.38
N GLN A 330 6.61 10.54 12.54
CA GLN A 330 6.89 11.03 13.89
C GLN A 330 5.63 11.30 14.69
N ASP A 331 4.50 11.59 14.03
CA ASP A 331 3.27 11.83 14.76
C ASP A 331 2.53 10.56 15.15
N TYR A 332 3.02 9.39 14.74
CA TYR A 332 2.38 8.13 15.11
C TYR A 332 3.04 7.54 16.35
N ASN A 333 2.39 6.54 16.92
CA ASN A 333 2.96 5.68 17.95
C ASN A 333 3.21 4.30 17.36
N TYR A 334 4.43 3.80 17.53
CA TYR A 334 4.78 2.47 17.06
C TYR A 334 4.04 1.41 17.86
N CYS A 335 3.17 0.67 17.19
CA CYS A 335 2.32 -0.31 17.85
C CYS A 335 2.60 -1.73 17.35
N ARG A 336 2.02 -2.71 18.06
CA ARG A 336 2.42 -4.11 17.96
C ARG A 336 2.09 -4.76 16.62
N GLU A 337 1.40 -4.07 15.71
CA GLU A 337 1.14 -4.62 14.38
C GLU A 337 1.60 -3.67 13.28
N ASP A 338 2.48 -2.72 13.62
CA ASP A 338 3.10 -1.80 12.68
C ASP A 338 4.45 -2.31 12.16
N GLU A 339 4.71 -3.62 12.24
CA GLU A 339 6.02 -4.17 11.90
C GLU A 339 6.47 -3.81 10.48
N GLU A 340 5.54 -3.80 9.53
CA GLU A 340 5.95 -3.60 8.13
C GLU A 340 6.60 -2.23 7.94
N ILE A 341 6.02 -1.18 8.51
CA ILE A 341 6.64 0.13 8.33
C ILE A 341 7.94 0.20 9.11
N TYR A 342 8.04 -0.52 10.24
CA TYR A 342 9.31 -0.60 10.94
C TYR A 342 10.36 -1.25 10.07
N LYS A 343 10.04 -2.42 9.50
CA LYS A 343 10.97 -3.10 8.62
C LYS A 343 11.43 -2.18 7.50
N GLU A 344 10.54 -1.35 6.96
CA GLU A 344 10.93 -0.42 5.89
C GLU A 344 11.85 0.68 6.39
N PHE A 345 11.53 1.29 7.52
CA PHE A 345 12.41 2.33 8.06
C PHE A 345 13.77 1.74 8.43
N PHE A 346 13.76 0.56 9.03
CA PHE A 346 14.98 -0.17 9.32
C PHE A 346 15.83 -0.34 8.07
N GLU A 347 15.25 -0.92 7.02
CA GLU A 347 16.00 -1.15 5.79
C GLU A 347 16.54 0.14 5.22
N VAL A 348 15.75 1.21 5.25
CA VAL A 348 16.21 2.48 4.70
C VAL A 348 17.38 3.01 5.52
N ALA A 349 17.27 2.96 6.85
CA ALA A 349 18.29 3.54 7.70
C ALA A 349 19.58 2.73 7.67
N ASN A 350 19.46 1.40 7.69
CA ASN A 350 20.59 0.51 7.96
C ASN A 350 21.05 -0.26 6.74
N ASP A 351 20.48 -0.01 5.58
CA ASP A 351 20.87 -0.74 4.38
C ASP A 351 20.92 0.20 3.18
N VAL A 352 19.76 0.74 2.80
CA VAL A 352 19.69 1.55 1.59
C VAL A 352 20.52 2.81 1.72
N ILE A 353 20.28 3.59 2.78
CA ILE A 353 21.02 4.84 2.98
C ILE A 353 22.52 4.60 3.09
N PRO A 354 23.00 3.68 3.94
CA PRO A 354 24.46 3.42 3.95
C PRO A 354 25.03 3.10 2.59
N ASN A 355 24.42 2.16 1.86
CA ASN A 355 24.96 1.78 0.56
C ASN A 355 24.91 2.96 -0.41
N LEU A 356 23.79 3.70 -0.44
CA LEU A 356 23.74 4.88 -1.29
C LEU A 356 24.87 5.84 -0.97
N LEU A 357 25.18 6.02 0.32
CA LEU A 357 26.25 6.94 0.70
C LEU A 357 27.62 6.35 0.37
N LYS A 358 27.78 5.04 0.60
CA LYS A 358 29.04 4.38 0.21
C LYS A 358 29.30 4.51 -1.28
N GLU A 359 28.25 4.33 -2.10
CA GLU A 359 28.39 4.53 -3.54
C GLU A 359 28.77 5.98 -3.85
N ALA A 360 28.18 6.94 -3.14
CA ALA A 360 28.55 8.34 -3.34
C ALA A 360 30.01 8.57 -3.00
N ALA A 361 30.48 7.98 -1.89
CA ALA A 361 31.86 8.16 -1.48
C ALA A 361 32.82 7.61 -2.52
N SER A 362 32.61 6.37 -2.95
CA SER A 362 33.43 5.78 -4.01
C SER A 362 33.53 6.69 -5.22
N LEU A 363 32.48 7.49 -5.49
CA LEU A 363 32.51 8.38 -6.65
C LEU A 363 33.44 9.57 -6.42
N LEU A 364 33.45 10.14 -5.22
CA LEU A 364 34.32 11.29 -4.99
C LEU A 364 35.79 10.88 -4.91
N GLU A 365 36.07 9.61 -4.62
CA GLU A 365 37.44 9.13 -4.72
C GLU A 365 38.00 9.35 -6.12
N ALA A 366 37.18 9.14 -7.15
CA ALA A 366 37.58 9.47 -8.51
C ALA A 366 37.49 10.98 -8.75
N SER A 383 29.69 14.34 -4.18
CA SER A 383 29.33 15.76 -4.25
C SER A 383 28.06 16.04 -3.44
N ALA A 384 27.23 15.01 -3.23
CA ALA A 384 26.16 15.15 -2.25
C ALA A 384 26.71 15.02 -0.84
N LEU A 385 27.79 14.28 -0.67
CA LEU A 385 28.53 14.24 0.59
C LEU A 385 29.09 15.61 0.95
N GLN A 386 29.12 16.55 0.01
CA GLN A 386 29.51 17.93 0.26
C GLN A 386 28.31 18.87 0.34
N ASP A 387 27.10 18.38 0.14
CA ASP A 387 25.92 19.24 0.25
C ASP A 387 25.48 19.31 1.71
N PRO A 388 25.48 20.48 2.33
CA PRO A 388 24.91 20.57 3.69
C PRO A 388 23.43 20.23 3.72
N GLU A 389 22.68 20.65 2.70
CA GLU A 389 21.28 20.26 2.55
C GLU A 389 21.09 18.76 2.72
N CYS A 390 21.91 17.98 2.02
CA CYS A 390 21.84 16.53 2.13
C CYS A 390 22.07 16.07 3.56
N PHE A 391 23.00 16.73 4.27
CA PHE A 391 23.20 16.36 5.67
C PHE A 391 22.00 16.75 6.51
N ALA A 392 21.40 17.90 6.24
CA ALA A 392 20.16 18.30 6.92
C ALA A 392 19.08 17.23 6.74
N HIS A 393 18.89 16.78 5.51
CA HIS A 393 17.90 15.74 5.22
C HIS A 393 18.15 14.49 6.05
N LEU A 394 19.42 14.05 6.12
CA LEU A 394 19.74 12.89 6.94
C LEU A 394 19.39 13.12 8.40
N LEU A 395 19.63 14.34 8.91
CA LEU A 395 19.29 14.62 10.30
C LEU A 395 17.78 14.62 10.52
N ARG A 396 17.04 15.26 9.61
CA ARG A 396 15.58 15.26 9.71
C ARG A 396 15.02 13.84 9.68
N PHE A 397 15.61 12.96 8.86
CA PHE A 397 15.16 11.57 8.83
C PHE A 397 15.31 10.92 10.21
N TYR A 398 16.50 11.05 10.82
CA TYR A 398 16.71 10.39 12.11
C TYR A 398 15.92 11.06 13.24
N ASP A 399 15.68 12.37 13.12
CA ASP A 399 14.85 13.05 14.13
C ASP A 399 13.43 12.52 14.12
N GLY A 400 12.85 12.32 12.93
CA GLY A 400 11.50 11.77 12.86
C GLY A 400 11.40 10.38 13.46
N ILE A 401 12.42 9.53 13.22
CA ILE A 401 12.40 8.19 13.78
C ILE A 401 12.43 8.25 15.31
N CYS A 402 13.26 9.13 15.85
CA CYS A 402 13.34 9.28 17.31
C CYS A 402 12.02 9.80 17.87
N LYS A 403 11.48 10.86 17.26
CA LYS A 403 10.19 11.39 17.71
C LYS A 403 9.09 10.34 17.60
N TRP A 404 9.15 9.51 16.56
CA TRP A 404 8.22 8.40 16.42
C TRP A 404 8.30 7.47 17.62
N GLU A 405 9.52 7.16 18.06
CA GLU A 405 9.71 6.31 19.23
C GLU A 405 9.00 6.89 20.46
N GLU A 406 9.04 8.21 20.62
CA GLU A 406 8.48 8.85 21.81
C GLU A 406 7.00 8.52 21.95
N GLY A 407 6.60 8.13 23.17
CA GLY A 407 5.22 7.77 23.44
C GLY A 407 4.78 6.46 22.83
N SER A 408 5.70 5.69 22.27
CA SER A 408 5.26 4.47 21.61
C SER A 408 5.33 3.28 22.58
N PRO A 409 4.37 2.36 22.46
CA PRO A 409 4.38 1.15 23.29
C PRO A 409 5.71 0.43 23.35
N THR A 410 6.25 0.05 22.19
CA THR A 410 7.49 -0.71 22.07
C THR A 410 8.63 0.17 21.56
N PRO A 411 9.88 -0.14 21.93
CA PRO A 411 11.01 0.67 21.46
C PRO A 411 11.28 0.50 19.98
N VAL A 412 11.90 1.53 19.39
CA VAL A 412 12.21 1.55 17.96
C VAL A 412 13.70 1.27 17.77
N LEU A 413 14.54 2.16 18.30
CA LEU A 413 15.96 2.12 18.02
C LEU A 413 16.66 1.05 18.85
N HIS A 414 17.78 0.56 18.34
CA HIS A 414 18.64 -0.34 19.09
C HIS A 414 20.05 -0.23 18.53
N VAL A 415 20.95 -1.06 19.07
CA VAL A 415 22.38 -0.92 18.80
C VAL A 415 22.67 -0.99 17.30
N GLY A 416 21.93 -1.83 16.58
CA GLY A 416 22.12 -1.93 15.14
C GLY A 416 21.89 -0.61 14.43
N TRP A 417 20.79 0.07 14.76
CA TRP A 417 20.57 1.42 14.25
C TRP A 417 21.75 2.32 14.56
N ALA A 418 22.32 2.16 15.77
CA ALA A 418 23.41 3.04 16.19
C ALA A 418 24.63 2.88 15.30
N THR A 419 24.98 1.63 14.95
CA THR A 419 26.14 1.37 14.11
C THR A 419 26.11 2.16 12.80
N PHE A 420 24.92 2.25 12.18
CA PHE A 420 24.81 2.82 10.84
C PHE A 420 24.54 4.32 10.84
N LEU A 421 23.95 4.86 11.92
CA LEU A 421 23.86 6.31 12.03
C LEU A 421 25.24 6.93 12.02
N VAL A 422 26.13 6.44 12.89
CA VAL A 422 27.48 7.00 12.94
C VAL A 422 28.22 6.76 11.63
N GLN A 423 28.06 5.56 11.05
CA GLN A 423 28.68 5.30 9.74
C GLN A 423 28.20 6.29 8.69
N SER A 424 26.92 6.65 8.72
CA SER A 424 26.37 7.55 7.72
C SER A 424 26.79 8.99 7.95
N LEU A 425 26.82 9.43 9.22
CA LEU A 425 27.34 10.77 9.52
C LEU A 425 28.80 10.89 9.11
N GLY A 426 29.57 9.82 9.32
CA GLY A 426 30.97 9.83 8.93
C GLY A 426 31.18 10.14 7.45
N ARG A 427 30.21 9.80 6.60
CA ARG A 427 30.32 10.02 5.17
C ARG A 427 30.31 11.51 4.83
N PHE A 428 30.13 12.35 5.84
CA PHE A 428 30.18 13.80 5.66
C PHE A 428 31.32 14.37 6.50
N GLU A 429 32.16 15.19 5.88
CA GLU A 429 33.22 15.84 6.62
C GLU A 429 32.63 16.90 7.56
N GLY A 430 33.26 17.04 8.72
CA GLY A 430 32.90 18.13 9.63
C GLY A 430 32.85 19.48 8.94
N GLN A 431 33.68 19.68 7.92
CA GLN A 431 33.54 20.86 7.08
C GLN A 431 32.12 20.97 6.56
N VAL A 432 31.62 19.91 5.93
CA VAL A 432 30.26 19.90 5.40
C VAL A 432 29.24 20.04 6.53
N ARG A 433 29.38 19.22 7.56
CA ARG A 433 28.38 19.16 8.63
C ARG A 433 28.24 20.48 9.38
N GLN A 434 29.33 21.25 9.50
CA GLN A 434 29.30 22.43 10.35
C GLN A 434 28.46 23.56 9.78
N LYS A 435 27.97 23.42 8.56
CA LYS A 435 27.21 24.48 7.91
C LYS A 435 25.71 24.37 8.11
N VAL A 436 25.26 23.53 9.05
CA VAL A 436 23.84 23.36 9.32
C VAL A 436 23.44 23.85 10.70
N ARG A 437 22.57 24.87 10.74
CA ARG A 437 22.20 25.53 11.99
C ARG A 437 21.10 24.72 12.69
N ILE A 438 21.53 23.69 13.42
CA ILE A 438 20.59 22.87 14.18
C ILE A 438 19.97 23.69 15.29
N VAL A 439 18.65 23.57 15.44
CA VAL A 439 17.88 24.36 16.39
C VAL A 439 16.98 23.42 17.18
N SER A 440 17.06 23.49 18.51
CA SER A 440 16.16 22.72 19.35
C SER A 440 14.75 23.31 19.27
N GLY A 441 13.79 22.45 18.93
CA GLY A 441 12.40 22.91 18.83
C GLY A 441 11.82 23.18 20.20
N THR A 442 11.19 24.34 20.35
CA THR A 442 10.67 24.78 21.64
C THR A 442 9.26 25.36 21.50
N PRO A 470 21.79 25.88 5.47
CA PRO A 470 20.51 25.27 5.81
C PRO A 470 20.23 25.24 7.30
N VAL A 471 19.04 25.71 7.71
CA VAL A 471 18.62 25.74 9.10
C VAL A 471 17.61 24.61 9.34
N LEU A 472 17.71 23.97 10.50
CA LEU A 472 16.96 22.75 10.76
C LEU A 472 16.58 22.68 12.24
N THR A 473 15.31 22.39 12.50
CA THR A 473 14.76 22.34 13.84
C THR A 473 14.46 20.90 14.24
N PHE A 474 14.86 20.52 15.45
CA PHE A 474 14.68 19.17 15.94
C PHE A 474 13.44 19.09 16.83
N GLN A 475 12.81 17.90 16.85
CA GLN A 475 11.59 17.68 17.63
C GLN A 475 11.70 16.55 18.63
N SER A 476 12.65 15.65 18.48
CA SER A 476 12.78 14.51 19.37
C SER A 476 13.80 14.79 20.45
N GLU A 477 13.62 14.14 21.61
CA GLU A 477 14.52 14.38 22.73
C GLU A 477 15.93 13.91 22.41
N LYS A 478 16.06 12.72 21.81
CA LYS A 478 17.38 12.16 21.55
C LYS A 478 18.18 13.06 20.61
N MET A 479 17.60 13.42 19.47
CA MET A 479 18.31 14.25 18.52
C MET A 479 18.52 15.65 19.08
N LYS A 480 17.53 16.18 19.78
CA LYS A 480 17.76 17.42 20.54
C LYS A 480 18.94 17.25 21.48
N GLY A 481 19.07 16.07 22.09
CA GLY A 481 20.18 15.78 22.96
C GLY A 481 21.55 15.89 22.33
N MET A 482 21.86 14.98 21.40
CA MET A 482 23.19 14.91 20.86
C MET A 482 23.49 15.86 19.71
N LYS A 483 22.84 17.02 19.69
CA LYS A 483 22.93 17.89 18.52
C LYS A 483 24.37 18.34 18.25
N GLU A 484 25.16 18.57 19.30
CA GLU A 484 26.53 19.15 19.12
C GLU A 484 27.46 18.04 18.66
N LEU A 485 27.13 16.84 19.07
CA LEU A 485 27.83 15.59 18.72
C LEU A 485 27.79 15.34 17.21
N LEU A 486 26.72 15.77 16.53
CA LEU A 486 26.48 15.59 15.07
C LEU A 486 27.35 16.52 14.26
N VAL A 487 27.92 17.54 14.88
CA VAL A 487 28.70 18.51 14.13
C VAL A 487 30.18 18.48 14.50
N ALA A 488 30.56 17.71 15.53
CA ALA A 488 31.95 17.61 15.92
C ALA A 488 32.80 17.08 14.77
N THR A 489 33.94 17.74 14.53
CA THR A 489 34.87 17.28 13.50
C THR A 489 35.25 15.82 13.71
N LYS A 490 35.21 15.37 14.94
CA LYS A 490 35.48 13.94 15.23
C LYS A 490 34.20 13.33 15.78
N ILE A 491 33.55 12.50 15.01
CA ILE A 491 32.29 11.99 15.56
C ILE A 491 32.59 11.12 16.76
N ASN A 492 31.98 11.41 17.89
CA ASN A 492 32.19 10.56 19.07
C ASN A 492 31.24 9.39 18.92
N SER A 493 31.73 8.28 18.40
CA SER A 493 30.87 7.12 18.13
C SER A 493 30.17 6.66 19.38
N SER A 494 30.91 6.51 20.47
CA SER A 494 30.31 5.93 21.69
C SER A 494 29.23 6.82 22.28
N ALA A 495 29.44 8.12 22.27
CA ALA A 495 28.45 9.03 22.87
C ALA A 495 27.18 8.92 22.05
N ILE A 496 27.30 9.20 20.76
CA ILE A 496 26.16 9.11 19.86
C ILE A 496 25.48 7.75 20.00
N LYS A 497 26.27 6.67 19.92
CA LYS A 497 25.74 5.33 20.06
C LYS A 497 24.92 5.17 21.34
N LEU A 498 25.35 5.85 22.42
CA LEU A 498 24.69 5.73 23.71
C LEU A 498 23.37 6.50 23.72
N GLN A 499 23.39 7.75 23.26
CA GLN A 499 22.21 8.61 23.35
C GLN A 499 21.10 8.12 22.42
N LEU A 500 21.46 7.50 21.30
CA LEU A 500 20.45 6.96 20.41
C LEU A 500 19.72 5.77 21.06
N THR A 501 20.43 4.97 21.83
CA THR A 501 19.87 3.77 22.44
C THR A 501 19.27 4.03 23.82
N ALA A 502 19.32 5.27 24.30
CA ALA A 502 18.73 5.61 25.59
C ALA A 502 17.24 5.28 25.59
N GLN A 503 16.69 5.16 26.80
CA GLN A 503 15.26 4.84 26.96
C GLN A 503 14.41 6.07 26.65
#